data_4LPZ
#
_entry.id   4LPZ
#
_cell.length_a   116.846
_cell.length_b   59.816
_cell.length_c   73.510
_cell.angle_alpha   90.00
_cell.angle_beta   97.85
_cell.angle_gamma   90.00
#
_symmetry.space_group_name_H-M   'C 1 2 1'
#
loop_
_entity.id
_entity.type
_entity.pdbx_description
1 polymer 'Aryl hydrocarbon receptor nuclear translocator'
2 polymer 'Transforming acidic coiled-coil-containing protein 3'
#
loop_
_entity_poly.entity_id
_entity_poly.type
_entity_poly.pdbx_seq_one_letter_code
_entity_poly.pdbx_strand_id
1 'polypeptide(L)'
;GAMDNVCQPTEFISRHNIEGIFTFVDHRCVATVGYQPQELLGKNIVEFCHPEDQQLLRDSFQQVVKLKGQVLSVMFRFRS
KNQEWLWMRTSSFTFQNPYSDEIEYIICTNTNVKNSSQE
;
A,B
2 'polypeptide(L)' GEFEVNYHLENEVARLKKLVGEKTKEIDELTRICADLISKMAKI C,D
#
# COMPACT_ATOMS: atom_id res chain seq x y z
N THR A 10 11.69 -13.40 17.03
CA THR A 10 12.41 -12.23 17.53
C THR A 10 11.43 -11.12 17.92
N GLU A 11 10.26 -11.54 18.39
CA GLU A 11 9.15 -10.65 18.67
C GLU A 11 8.33 -11.12 19.87
N PHE A 12 7.38 -10.30 20.31
CA PHE A 12 6.55 -10.68 21.44
C PHE A 12 5.10 -10.29 21.20
N ILE A 13 4.19 -11.09 21.77
CA ILE A 13 2.76 -10.85 21.62
C ILE A 13 2.23 -9.98 22.74
N SER A 14 1.72 -8.81 22.39
CA SER A 14 1.10 -7.95 23.38
C SER A 14 -0.41 -7.99 23.22
N ARG A 15 -1.11 -7.68 24.30
CA ARG A 15 -2.56 -7.73 24.28
C ARG A 15 -3.13 -6.52 25.02
N HIS A 16 -3.74 -5.61 24.25
CA HIS A 16 -4.22 -4.35 24.81
C HIS A 16 -5.73 -4.39 24.99
N ASN A 17 -6.28 -3.30 25.52
CA ASN A 17 -7.72 -3.10 25.52
C ASN A 17 -8.08 -2.22 24.35
N ILE A 18 -9.26 -1.60 24.40
CA ILE A 18 -9.75 -0.80 23.28
C ILE A 18 -8.89 0.44 23.02
N GLU A 19 -8.42 1.09 24.08
CA GLU A 19 -7.62 2.30 23.93
C GLU A 19 -6.15 2.03 23.65
N GLY A 20 -5.67 0.86 24.04
CA GLY A 20 -4.30 0.46 23.77
C GLY A 20 -3.38 0.39 24.97
N ILE A 21 -3.96 0.26 26.16
CA ILE A 21 -3.15 0.08 27.35
C ILE A 21 -2.81 -1.40 27.48
N PHE A 22 -1.56 -1.69 27.82
CA PHE A 22 -1.08 -3.05 27.97
C PHE A 22 -1.87 -3.83 29.03
N THR A 23 -2.53 -4.91 28.63
CA THR A 23 -3.23 -5.76 29.58
C THR A 23 -2.51 -7.10 29.75
N PHE A 24 -1.68 -7.44 28.78
CA PHE A 24 -0.88 -8.66 28.84
C PHE A 24 0.33 -8.60 27.92
N VAL A 25 1.48 -8.98 28.47
CA VAL A 25 2.72 -9.06 27.71
C VAL A 25 3.43 -10.36 28.06
N ASP A 26 3.98 -11.06 27.07
CA ASP A 26 4.71 -12.29 27.32
C ASP A 26 6.17 -12.01 27.64
N HIS A 27 6.88 -13.03 28.14
CA HIS A 27 8.26 -12.89 28.63
C HIS A 27 9.23 -12.33 27.60
N ARG A 28 8.83 -12.32 26.34
CA ARG A 28 9.75 -12.00 25.26
C ARG A 28 9.93 -10.50 25.06
N CYS A 29 9.24 -9.71 25.87
CA CYS A 29 9.39 -8.26 25.82
C CYS A 29 10.80 -7.87 26.20
N VAL A 30 11.35 -8.55 27.21
CA VAL A 30 12.68 -8.26 27.73
C VAL A 30 13.79 -8.39 26.68
N ALA A 31 13.69 -9.41 25.83
CA ALA A 31 14.73 -9.65 24.83
C ALA A 31 14.61 -8.70 23.63
N THR A 32 13.38 -8.35 23.28
CA THR A 32 13.11 -7.59 22.08
C THR A 32 13.10 -6.09 22.35
N VAL A 33 12.69 -5.70 23.56
CA VAL A 33 12.54 -4.28 23.87
C VAL A 33 13.33 -3.84 25.12
N GLY A 34 13.52 -4.75 26.06
CA GLY A 34 14.30 -4.43 27.25
C GLY A 34 13.47 -4.19 28.49
N TYR A 35 12.17 -3.98 28.29
CA TYR A 35 11.25 -3.77 29.40
C TYR A 35 10.74 -5.09 29.97
N GLN A 36 10.34 -5.06 31.23
CA GLN A 36 9.76 -6.21 31.90
C GLN A 36 8.23 -6.09 31.87
N PRO A 37 7.52 -7.23 31.94
CA PRO A 37 6.06 -7.25 31.90
C PRO A 37 5.39 -6.27 32.85
N GLN A 38 5.91 -6.15 34.07
CA GLN A 38 5.36 -5.23 35.05
C GLN A 38 5.48 -3.78 34.60
N GLU A 39 6.52 -3.50 33.82
CA GLU A 39 6.83 -2.15 33.37
C GLU A 39 5.97 -1.70 32.18
N LEU A 40 5.31 -2.64 31.52
CA LEU A 40 4.48 -2.29 30.37
C LEU A 40 2.98 -2.29 30.72
N LEU A 41 2.57 -3.26 31.52
CA LEU A 41 1.16 -3.42 31.90
C LEU A 41 0.56 -2.18 32.55
N GLY A 42 -0.67 -1.83 32.16
CA GLY A 42 -1.37 -0.71 32.75
C GLY A 42 -0.98 0.59 32.10
N LYS A 43 -0.07 0.50 31.14
CA LYS A 43 0.46 1.68 30.47
C LYS A 43 0.08 1.69 29.00
N ASN A 44 -0.05 2.88 28.41
CA ASN A 44 -0.41 2.98 27.00
C ASN A 44 0.80 2.73 26.11
N ILE A 45 0.55 2.16 24.93
CA ILE A 45 1.64 1.83 24.01
C ILE A 45 2.15 3.09 23.31
N VAL A 46 1.31 4.11 23.24
CA VAL A 46 1.68 5.38 22.61
C VAL A 46 2.79 6.07 23.41
N GLU A 47 2.77 5.87 24.73
CA GLU A 47 3.76 6.48 25.62
C GLU A 47 5.19 6.04 25.28
N PHE A 48 5.33 4.89 24.63
CA PHE A 48 6.64 4.39 24.24
C PHE A 48 6.95 4.71 22.79
N CYS A 49 6.04 5.41 22.14
CA CYS A 49 6.16 5.71 20.72
C CYS A 49 6.85 7.04 20.45
N HIS A 50 7.64 7.08 19.37
CA HIS A 50 8.28 8.30 18.91
C HIS A 50 7.22 9.36 18.64
N PRO A 51 7.48 10.59 19.08
CA PRO A 51 6.52 11.69 18.88
C PRO A 51 6.15 11.88 17.41
N GLU A 52 7.08 11.56 16.52
CA GLU A 52 6.84 11.66 15.09
C GLU A 52 5.80 10.66 14.61
N ASP A 53 5.79 9.46 15.20
CA ASP A 53 4.89 8.42 14.74
C ASP A 53 3.77 8.11 15.73
N GLN A 54 3.46 9.05 16.61
CA GLN A 54 2.40 8.83 17.58
C GLN A 54 1.07 8.91 16.84
N GLN A 55 0.96 9.88 15.95
CA GLN A 55 -0.25 10.06 15.16
C GLN A 55 -0.54 8.83 14.31
N LEU A 56 0.51 8.28 13.71
CA LEU A 56 0.35 7.09 12.88
C LEU A 56 -0.11 5.89 13.67
N LEU A 57 0.56 5.63 14.79
CA LEU A 57 0.23 4.50 15.64
C LEU A 57 -1.19 4.67 16.20
N ARG A 58 -1.52 5.90 16.61
CA ARG A 58 -2.82 6.18 17.17
C ARG A 58 -3.93 6.02 16.13
N ASP A 59 -3.68 6.50 14.92
CA ASP A 59 -4.62 6.34 13.82
C ASP A 59 -4.76 4.86 13.46
N SER A 60 -3.64 4.14 13.51
CA SER A 60 -3.62 2.72 13.22
C SER A 60 -4.48 1.95 14.23
N PHE A 61 -4.52 2.44 15.46
CA PHE A 61 -5.30 1.81 16.52
C PHE A 61 -6.79 2.09 16.36
N GLN A 62 -7.12 3.24 15.80
CA GLN A 62 -8.50 3.61 15.53
C GLN A 62 -9.06 2.74 14.41
N GLN A 63 -8.14 2.22 13.58
CA GLN A 63 -8.49 1.45 12.40
C GLN A 63 -8.81 -0.02 12.67
N VAL A 64 -8.02 -0.67 13.52
CA VAL A 64 -8.21 -2.09 13.83
C VAL A 64 -9.63 -2.40 14.33
N VAL A 65 -10.30 -1.41 14.90
CA VAL A 65 -11.66 -1.55 15.40
C VAL A 65 -12.70 -1.64 14.29
N LYS A 66 -12.57 -0.77 13.29
CA LYS A 66 -13.48 -0.74 12.15
C LYS A 66 -13.21 -1.91 11.22
N LEU A 67 -12.03 -2.50 11.32
CA LEU A 67 -11.67 -3.62 10.46
C LEU A 67 -12.28 -4.93 10.95
N LYS A 68 -12.67 -4.97 12.22
CA LYS A 68 -13.35 -6.12 12.82
C LYS A 68 -12.71 -7.47 12.48
N GLY A 69 -11.58 -7.78 13.11
CA GLY A 69 -10.94 -9.06 12.91
C GLY A 69 -9.76 -9.01 11.96
N GLN A 70 -9.80 -8.07 11.03
CA GLN A 70 -8.78 -7.96 10.01
C GLN A 70 -7.47 -7.43 10.58
N VAL A 71 -6.37 -7.81 9.95
CA VAL A 71 -5.04 -7.51 10.45
C VAL A 71 -4.38 -6.31 9.79
N LEU A 72 -3.82 -5.43 10.62
CA LEU A 72 -3.15 -4.23 10.16
C LEU A 72 -1.66 -4.32 10.50
N SER A 73 -0.85 -3.47 9.88
CA SER A 73 0.58 -3.47 10.13
C SER A 73 1.13 -2.05 10.16
N VAL A 74 1.59 -1.61 11.33
CA VAL A 74 2.16 -0.29 11.49
C VAL A 74 3.61 -0.38 11.97
N MET A 75 4.46 0.52 11.47
CA MET A 75 5.85 0.56 11.87
C MET A 75 6.16 1.87 12.57
N PHE A 76 6.76 1.79 13.75
CA PHE A 76 7.07 2.98 14.54
C PHE A 76 8.31 2.78 15.37
N ARG A 77 8.75 3.84 16.04
CA ARG A 77 9.87 3.75 16.95
C ARG A 77 9.39 3.49 18.37
N PHE A 78 9.98 2.50 19.01
CA PHE A 78 9.65 2.17 20.39
C PHE A 78 10.84 2.60 21.23
N ARG A 79 10.59 3.26 22.36
CA ARG A 79 11.70 3.65 23.22
C ARG A 79 12.06 2.51 24.17
N SER A 80 13.20 1.89 23.91
CA SER A 80 13.71 0.79 24.74
C SER A 80 14.08 1.26 26.13
N LYS A 81 14.47 0.33 26.99
CA LYS A 81 14.85 0.62 28.36
C LYS A 81 16.11 1.49 28.40
N ASN A 82 16.96 1.31 27.40
CA ASN A 82 18.19 2.08 27.31
C ASN A 82 18.04 3.43 26.60
N GLN A 83 16.80 3.92 26.50
CA GLN A 83 16.51 5.22 25.87
C GLN A 83 17.04 5.34 24.44
N GLU A 84 16.74 4.34 23.62
CA GLU A 84 17.04 4.37 22.19
C GLU A 84 15.87 3.85 21.37
N TRP A 85 15.69 4.45 20.19
CA TRP A 85 14.56 4.14 19.33
C TRP A 85 14.76 2.83 18.58
N LEU A 86 13.73 1.99 18.60
CA LEU A 86 13.75 0.72 17.88
C LEU A 86 12.61 0.69 16.88
N TRP A 87 12.92 0.41 15.62
CA TRP A 87 11.90 0.29 14.59
C TRP A 87 11.12 -1.01 14.79
N MET A 88 9.83 -0.88 15.08
CA MET A 88 9.00 -2.01 15.42
C MET A 88 7.92 -2.27 14.38
N ARG A 89 7.80 -3.52 13.96
CA ARG A 89 6.77 -3.93 13.02
C ARG A 89 5.61 -4.55 13.79
N THR A 90 4.59 -3.76 14.07
CA THR A 90 3.44 -4.22 14.84
C THR A 90 2.35 -4.76 13.95
N SER A 91 2.11 -6.07 14.03
CA SER A 91 1.02 -6.69 13.30
C SER A 91 -0.15 -6.93 14.25
N SER A 92 -1.14 -6.04 14.21
CA SER A 92 -2.21 -6.07 15.19
C SER A 92 -3.58 -6.34 14.58
N PHE A 93 -4.48 -6.90 15.39
CA PHE A 93 -5.87 -7.06 15.02
C PHE A 93 -6.73 -7.13 16.30
N THR A 94 -8.04 -7.24 16.12
CA THR A 94 -8.96 -7.24 17.24
C THR A 94 -9.72 -8.55 17.36
N PHE A 95 -10.21 -8.85 18.56
CA PHE A 95 -10.98 -10.06 18.81
C PHE A 95 -12.43 -9.72 19.12
N GLU A 104 -13.52 -6.34 22.31
CA GLU A 104 -13.22 -7.07 23.53
C GLU A 104 -11.80 -6.78 24.00
N TYR A 105 -10.83 -7.07 23.13
CA TYR A 105 -9.44 -6.68 23.37
C TYR A 105 -8.68 -6.66 22.05
N ILE A 106 -7.44 -6.18 22.08
CA ILE A 106 -6.62 -6.12 20.88
C ILE A 106 -5.32 -6.90 21.08
N ILE A 107 -5.01 -7.77 20.14
CA ILE A 107 -3.78 -8.57 20.22
C ILE A 107 -2.77 -8.01 19.21
N CYS A 108 -1.54 -7.83 19.66
CA CYS A 108 -0.48 -7.28 18.81
C CYS A 108 0.73 -8.20 18.76
N THR A 109 1.31 -8.34 17.58
CA THR A 109 2.55 -9.07 17.43
C THR A 109 3.65 -8.06 17.10
N ASN A 110 4.39 -7.65 18.14
CA ASN A 110 5.37 -6.58 18.02
C ASN A 110 6.75 -7.09 17.64
N THR A 111 7.13 -6.89 16.38
CA THR A 111 8.39 -7.40 15.85
C THR A 111 9.50 -6.37 15.93
N ASN A 112 10.70 -6.82 16.28
CA ASN A 112 11.86 -5.95 16.26
C ASN A 112 12.67 -6.24 15.01
N VAL A 113 13.02 -5.19 14.28
CA VAL A 113 13.73 -5.32 13.01
C VAL A 113 15.19 -4.87 13.15
N THR B 10 -7.28 -9.43 -8.66
CA THR B 10 -8.01 -8.42 -7.89
C THR B 10 -7.09 -7.34 -7.34
N GLU B 11 -5.97 -7.07 -8.02
CA GLU B 11 -5.05 -6.04 -7.56
C GLU B 11 -4.36 -5.41 -8.76
N PHE B 12 -3.80 -4.23 -8.56
CA PHE B 12 -3.11 -3.52 -9.63
C PHE B 12 -1.93 -2.72 -9.10
N ILE B 13 -0.90 -2.58 -9.94
CA ILE B 13 0.30 -1.84 -9.57
C ILE B 13 0.20 -0.37 -9.96
N SER B 14 0.20 0.51 -8.96
CA SER B 14 0.20 1.95 -9.20
C SER B 14 1.57 2.53 -8.91
N ARG B 15 1.87 3.69 -9.50
CA ARG B 15 3.16 4.32 -9.31
C ARG B 15 3.01 5.82 -9.10
N HIS B 16 3.25 6.27 -7.87
CA HIS B 16 3.03 7.66 -7.51
C HIS B 16 4.31 8.47 -7.37
N ASN B 17 4.14 9.77 -7.09
CA ASN B 17 5.26 10.60 -6.68
C ASN B 17 5.24 10.74 -5.16
N ILE B 18 5.95 11.74 -4.64
CA ILE B 18 6.06 11.93 -3.20
C ILE B 18 4.72 12.31 -2.56
N GLU B 19 3.94 13.12 -3.26
CA GLU B 19 2.67 13.60 -2.72
C GLU B 19 1.58 12.55 -2.85
N GLY B 20 1.74 11.63 -3.79
CA GLY B 20 0.80 10.55 -3.96
C GLY B 20 -0.04 10.67 -5.22
N ILE B 21 0.46 11.42 -6.19
CA ILE B 21 -0.25 11.57 -7.46
C ILE B 21 0.01 10.39 -8.37
N PHE B 22 -1.05 9.84 -8.96
CA PHE B 22 -0.90 8.74 -9.89
C PHE B 22 -0.09 9.17 -11.10
N THR B 23 1.06 8.54 -11.30
CA THR B 23 1.89 8.79 -12.47
C THR B 23 1.81 7.61 -13.42
N PHE B 24 1.37 6.46 -12.89
CA PHE B 24 1.16 5.27 -13.71
C PHE B 24 0.19 4.30 -13.04
N VAL B 25 -0.76 3.79 -13.82
CA VAL B 25 -1.69 2.77 -13.38
C VAL B 25 -1.79 1.72 -14.47
N ASP B 26 -1.78 0.44 -14.11
CA ASP B 26 -1.89 -0.59 -15.14
C ASP B 26 -3.35 -0.90 -15.43
N HIS B 27 -3.57 -1.63 -16.52
CA HIS B 27 -4.89 -1.98 -17.02
C HIS B 27 -5.81 -2.70 -16.02
N ARG B 28 -5.25 -3.23 -14.94
CA ARG B 28 -6.03 -4.06 -14.02
C ARG B 28 -6.82 -3.27 -12.99
N CYS B 29 -6.73 -1.95 -13.04
CA CYS B 29 -7.51 -1.11 -12.13
C CYS B 29 -9.01 -1.25 -12.38
N VAL B 30 -9.38 -1.32 -13.67
CA VAL B 30 -10.79 -1.41 -14.06
C VAL B 30 -11.45 -2.64 -13.44
N ALA B 31 -10.68 -3.73 -13.35
CA ALA B 31 -11.18 -4.95 -12.75
C ALA B 31 -11.21 -4.83 -11.23
N THR B 32 -10.27 -4.05 -10.69
CA THR B 32 -10.09 -3.98 -9.24
C THR B 32 -10.92 -2.89 -8.56
N VAL B 33 -11.07 -1.74 -9.22
CA VAL B 33 -11.81 -0.62 -8.64
C VAL B 33 -12.92 -0.14 -9.58
N GLY B 34 -12.71 -0.33 -10.87
CA GLY B 34 -13.70 0.06 -11.86
C GLY B 34 -13.28 1.30 -12.63
N TYR B 35 -12.26 2.00 -12.13
CA TYR B 35 -11.77 3.16 -12.83
C TYR B 35 -10.79 2.76 -13.92
N GLN B 36 -10.66 3.61 -14.93
CA GLN B 36 -9.71 3.36 -16.00
C GLN B 36 -8.44 4.13 -15.71
N PRO B 37 -7.30 3.65 -16.24
CA PRO B 37 -6.01 4.30 -15.99
C PRO B 37 -6.07 5.80 -16.25
N GLN B 38 -6.73 6.19 -17.34
CA GLN B 38 -6.88 7.60 -17.68
C GLN B 38 -7.68 8.34 -16.62
N GLU B 39 -8.60 7.63 -15.98
CA GLU B 39 -9.46 8.25 -14.97
C GLU B 39 -8.74 8.39 -13.64
N LEU B 40 -7.63 7.68 -13.50
CA LEU B 40 -6.84 7.72 -12.27
C LEU B 40 -5.61 8.60 -12.40
N LEU B 41 -4.97 8.56 -13.58
CA LEU B 41 -3.77 9.34 -13.82
C LEU B 41 -3.97 10.84 -13.55
N GLY B 42 -2.99 11.45 -12.90
CA GLY B 42 -2.99 12.87 -12.61
C GLY B 42 -3.73 13.26 -11.35
N LYS B 43 -4.35 12.30 -10.68
CA LYS B 43 -5.06 12.57 -9.44
C LYS B 43 -4.43 11.87 -8.25
N ASN B 44 -4.60 12.44 -7.07
CA ASN B 44 -4.06 11.85 -5.85
C ASN B 44 -4.94 10.70 -5.38
N ILE B 45 -4.34 9.74 -4.71
CA ILE B 45 -5.05 8.55 -4.24
C ILE B 45 -5.92 8.92 -3.04
N VAL B 46 -5.56 10.01 -2.36
CA VAL B 46 -6.30 10.49 -1.21
C VAL B 46 -7.72 10.91 -1.61
N GLU B 47 -7.86 11.43 -2.83
CA GLU B 47 -9.15 11.84 -3.36
C GLU B 47 -10.12 10.67 -3.45
N PHE B 48 -9.56 9.46 -3.55
CA PHE B 48 -10.36 8.25 -3.67
C PHE B 48 -10.48 7.54 -2.33
N CYS B 49 -9.88 8.14 -1.30
CA CYS B 49 -9.86 7.52 0.02
C CYS B 49 -11.06 7.98 0.85
N HIS B 50 -11.60 7.05 1.65
CA HIS B 50 -12.67 7.38 2.57
C HIS B 50 -12.21 8.45 3.56
N PRO B 51 -13.04 9.48 3.77
CA PRO B 51 -12.73 10.59 4.68
C PRO B 51 -12.45 10.14 6.12
N GLU B 52 -13.07 9.05 6.53
CA GLU B 52 -12.93 8.55 7.90
C GLU B 52 -11.51 8.06 8.18
N ASP B 53 -10.92 7.37 7.21
CA ASP B 53 -9.56 6.83 7.36
C ASP B 53 -8.60 7.53 6.41
N GLN B 54 -8.94 8.75 6.00
CA GLN B 54 -8.16 9.48 5.02
C GLN B 54 -6.82 9.95 5.57
N GLN B 55 -6.83 10.46 6.80
CA GLN B 55 -5.60 10.94 7.44
C GLN B 55 -4.59 9.81 7.56
N LEU B 56 -5.08 8.60 7.81
CA LEU B 56 -4.23 7.43 7.94
C LEU B 56 -3.43 7.19 6.66
N LEU B 57 -4.10 7.31 5.51
CA LEU B 57 -3.44 7.14 4.22
C LEU B 57 -2.32 8.16 4.04
N ARG B 58 -2.57 9.38 4.47
CA ARG B 58 -1.58 10.44 4.39
C ARG B 58 -0.40 10.12 5.32
N ASP B 59 -0.71 9.59 6.50
CA ASP B 59 0.32 9.21 7.46
C ASP B 59 1.24 8.11 6.92
N SER B 60 0.65 7.13 6.26
CA SER B 60 1.42 6.03 5.67
C SER B 60 2.34 6.55 4.56
N PHE B 61 1.87 7.56 3.85
CA PHE B 61 2.64 8.13 2.75
C PHE B 61 3.76 9.01 3.27
N GLN B 62 3.55 9.62 4.43
CA GLN B 62 4.59 10.44 5.05
C GLN B 62 5.74 9.57 5.52
N GLN B 63 5.44 8.31 5.83
CA GLN B 63 6.42 7.40 6.41
C GLN B 63 7.30 6.74 5.34
N VAL B 64 6.69 6.25 4.26
CA VAL B 64 7.44 5.61 3.19
C VAL B 64 8.53 6.53 2.64
N VAL B 65 8.33 7.84 2.77
CA VAL B 65 9.32 8.80 2.31
C VAL B 65 10.55 8.84 3.22
N LYS B 66 10.35 8.84 4.53
CA LYS B 66 11.50 8.87 5.43
C LYS B 66 12.16 7.49 5.47
N LEU B 67 11.34 6.45 5.35
CA LEU B 67 11.84 5.07 5.33
C LEU B 67 12.24 4.63 3.93
N LYS B 68 13.12 5.41 3.31
CA LYS B 68 13.64 5.10 1.97
C LYS B 68 14.05 3.63 1.81
N GLY B 69 13.26 2.92 1.02
CA GLY B 69 13.52 1.52 0.71
C GLY B 69 12.63 0.53 1.44
N GLN B 70 12.18 0.89 2.62
CA GLN B 70 11.38 -0.02 3.40
C GLN B 70 10.02 -0.20 2.76
N VAL B 71 9.32 -1.27 3.07
CA VAL B 71 7.99 -1.52 2.53
C VAL B 71 6.92 -1.34 3.62
N LEU B 72 5.88 -0.58 3.31
CA LEU B 72 4.81 -0.33 4.28
C LEU B 72 3.48 -0.94 3.83
N SER B 73 2.54 -1.05 4.76
CA SER B 73 1.22 -1.60 4.45
C SER B 73 0.09 -0.89 5.19
N VAL B 74 -0.76 -0.18 4.45
CA VAL B 74 -1.93 0.46 5.04
C VAL B 74 -3.18 -0.07 4.33
N MET B 75 -4.25 -0.27 5.09
CA MET B 75 -5.50 -0.74 4.53
C MET B 75 -6.57 0.33 4.71
N PHE B 76 -7.26 0.68 3.63
CA PHE B 76 -8.25 1.74 3.67
C PHE B 76 -9.39 1.46 2.72
N ARG B 77 -10.40 2.34 2.72
CA ARG B 77 -11.53 2.21 1.81
C ARG B 77 -11.35 2.98 0.51
N PHE B 78 -11.62 2.31 -0.60
CA PHE B 78 -11.53 2.91 -1.92
C PHE B 78 -12.92 3.09 -2.53
N ARG B 79 -13.13 4.23 -3.17
CA ARG B 79 -14.39 4.51 -3.87
C ARG B 79 -14.34 3.91 -5.26
N SER B 80 -15.12 2.85 -5.47
CA SER B 80 -15.18 2.22 -6.77
C SER B 80 -15.80 3.15 -7.81
N LYS B 81 -15.78 2.73 -9.07
CA LYS B 81 -16.35 3.53 -10.15
C LYS B 81 -17.86 3.57 -10.03
N ASN B 82 -18.43 2.49 -9.52
CA ASN B 82 -19.87 2.37 -9.34
C ASN B 82 -20.34 2.96 -8.01
N GLN B 83 -19.54 3.87 -7.45
CA GLN B 83 -19.86 4.55 -6.20
C GLN B 83 -20.11 3.57 -5.06
N GLU B 84 -19.17 2.67 -4.83
CA GLU B 84 -19.28 1.74 -3.72
C GLU B 84 -17.93 1.64 -3.01
N TRP B 85 -17.94 1.51 -1.69
CA TRP B 85 -16.68 1.51 -0.94
C TRP B 85 -16.00 0.15 -0.99
N LEU B 86 -14.72 0.16 -1.30
CA LEU B 86 -13.93 -1.06 -1.35
C LEU B 86 -12.76 -1.02 -0.40
N TRP B 87 -12.64 -2.02 0.47
CA TRP B 87 -11.48 -2.10 1.35
C TRP B 87 -10.26 -2.50 0.53
N MET B 88 -9.30 -1.60 0.45
CA MET B 88 -8.12 -1.82 -0.40
C MET B 88 -6.88 -1.93 0.48
N ARG B 89 -6.10 -2.99 0.28
CA ARG B 89 -4.86 -3.14 1.02
C ARG B 89 -3.67 -2.77 0.13
N THR B 90 -3.20 -1.54 0.25
CA THR B 90 -2.08 -1.08 -0.56
C THR B 90 -0.75 -1.27 0.19
N SER B 91 0.08 -2.16 -0.32
CA SER B 91 1.42 -2.37 0.23
C SER B 91 2.41 -1.61 -0.63
N SER B 92 2.85 -0.47 -0.13
CA SER B 92 3.64 0.45 -0.92
C SER B 92 5.07 0.62 -0.39
N PHE B 93 5.97 1.02 -1.28
CA PHE B 93 7.33 1.37 -0.90
C PHE B 93 7.90 2.39 -1.86
N THR B 94 9.13 2.84 -1.62
CA THR B 94 9.72 3.90 -2.41
C THR B 94 10.97 3.45 -3.16
N PHE B 95 11.28 4.15 -4.25
CA PHE B 95 12.45 3.86 -5.05
C PHE B 95 13.48 4.98 -4.94
N ILE B 103 14.77 10.58 -4.02
CA ILE B 103 13.54 9.83 -4.28
C ILE B 103 12.95 10.18 -5.64
N GLU B 104 12.62 9.14 -6.40
CA GLU B 104 12.13 9.30 -7.77
C GLU B 104 10.63 9.11 -7.88
N TYR B 105 10.15 7.97 -7.42
CA TYR B 105 8.73 7.68 -7.38
C TYR B 105 8.39 6.63 -6.34
N ILE B 106 7.10 6.38 -6.17
CA ILE B 106 6.61 5.43 -5.18
C ILE B 106 5.82 4.32 -5.86
N ILE B 107 6.12 3.07 -5.52
CA ILE B 107 5.41 1.94 -6.10
C ILE B 107 4.39 1.40 -5.11
N CYS B 108 3.16 1.23 -5.57
CA CYS B 108 2.09 0.76 -4.72
C CYS B 108 1.44 -0.49 -5.31
N THR B 109 1.15 -1.47 -4.45
CA THR B 109 0.41 -2.65 -4.87
C THR B 109 -0.97 -2.64 -4.21
N ASN B 110 -1.96 -2.17 -4.94
CA ASN B 110 -3.30 -2.00 -4.38
C ASN B 110 -4.15 -3.25 -4.54
N THR B 111 -4.32 -3.99 -3.45
CA THR B 111 -5.03 -5.26 -3.48
C THR B 111 -6.49 -5.10 -3.05
N ASN B 112 -7.38 -5.81 -3.73
CA ASN B 112 -8.80 -5.84 -3.36
C ASN B 112 -9.11 -7.12 -2.60
N VAL B 113 -9.88 -6.97 -1.53
CA VAL B 113 -10.20 -8.08 -0.63
C VAL B 113 -11.61 -8.60 -0.85
N HIS C 8 -8.62 -3.05 -48.73
CA HIS C 8 -7.78 -1.86 -48.85
C HIS C 8 -7.47 -1.27 -47.47
N LEU C 9 -8.50 -0.89 -46.74
CA LEU C 9 -8.35 -0.41 -45.37
C LEU C 9 -8.50 -1.57 -44.39
N GLU C 10 -9.13 -2.64 -44.85
CA GLU C 10 -9.29 -3.84 -44.06
C GLU C 10 -7.94 -4.47 -43.73
N ASN C 11 -6.95 -4.26 -44.59
CA ASN C 11 -5.61 -4.77 -44.34
C ASN C 11 -4.89 -3.93 -43.31
N GLU C 12 -5.40 -2.72 -43.07
CA GLU C 12 -4.87 -1.84 -42.03
C GLU C 12 -5.41 -2.26 -40.68
N VAL C 13 -6.73 -2.35 -40.58
CA VAL C 13 -7.40 -2.77 -39.36
C VAL C 13 -6.91 -4.15 -38.92
N ALA C 14 -6.62 -4.99 -39.90
CA ALA C 14 -6.12 -6.33 -39.62
C ALA C 14 -4.70 -6.30 -39.04
N ARG C 15 -3.83 -5.47 -39.60
CA ARG C 15 -2.47 -5.38 -39.09
C ARG C 15 -2.43 -4.62 -37.77
N LEU C 16 -3.38 -3.71 -37.57
CA LEU C 16 -3.44 -2.96 -36.33
C LEU C 16 -4.01 -3.81 -35.19
N LYS C 17 -5.04 -4.61 -35.49
CA LYS C 17 -5.59 -5.53 -34.50
C LYS C 17 -4.55 -6.53 -34.02
N LYS C 18 -3.76 -7.04 -34.96
CA LYS C 18 -2.68 -7.97 -34.64
C LYS C 18 -1.62 -7.29 -33.78
N LEU C 19 -1.14 -6.14 -34.24
CA LEU C 19 -0.16 -5.35 -33.50
C LEU C 19 -0.59 -5.11 -32.06
N VAL C 20 -1.86 -4.81 -31.85
CA VAL C 20 -2.41 -4.64 -30.51
C VAL C 20 -2.27 -5.92 -29.70
N GLY C 21 -2.61 -7.05 -30.32
CA GLY C 21 -2.52 -8.35 -29.67
C GLY C 21 -1.12 -8.68 -29.21
N GLU C 22 -0.13 -8.26 -29.99
CA GLU C 22 1.26 -8.49 -29.66
C GLU C 22 1.67 -7.65 -28.46
N LYS C 23 1.31 -6.37 -28.48
CA LYS C 23 1.65 -5.44 -27.41
C LYS C 23 0.93 -5.79 -26.11
N THR C 24 -0.21 -6.46 -26.24
CA THR C 24 -0.98 -6.90 -25.08
C THR C 24 -0.29 -8.09 -24.40
N LYS C 25 0.22 -9.02 -25.19
CA LYS C 25 0.88 -10.20 -24.63
C LYS C 25 2.18 -9.80 -23.95
N GLU C 26 2.79 -8.72 -24.41
CA GLU C 26 4.02 -8.24 -23.82
C GLU C 26 3.72 -7.55 -22.49
N ILE C 27 2.60 -6.83 -22.45
CA ILE C 27 2.15 -6.15 -21.25
C ILE C 27 1.79 -7.15 -20.17
N ASP C 28 1.18 -8.26 -20.59
CA ASP C 28 0.78 -9.32 -19.67
C ASP C 28 1.98 -9.98 -19.00
N GLU C 29 3.01 -10.25 -19.78
CA GLU C 29 4.22 -10.87 -19.26
C GLU C 29 5.04 -9.89 -18.42
N LEU C 30 5.16 -8.66 -18.88
CA LEU C 30 5.90 -7.62 -18.16
C LEU C 30 5.26 -7.33 -16.81
N THR C 31 3.93 -7.35 -16.76
CA THR C 31 3.21 -7.10 -15.52
C THR C 31 3.47 -8.24 -14.55
N ARG C 32 3.55 -9.45 -15.07
CA ARG C 32 3.84 -10.63 -14.26
C ARG C 32 5.21 -10.54 -13.63
N ILE C 33 6.20 -10.07 -14.40
CA ILE C 33 7.56 -9.89 -13.89
C ILE C 33 7.59 -8.87 -12.75
N CYS C 34 7.01 -7.70 -12.99
CA CYS C 34 6.99 -6.65 -11.97
C CYS C 34 6.14 -7.08 -10.76
N ALA C 35 5.10 -7.88 -11.01
CA ALA C 35 4.28 -8.39 -9.92
C ALA C 35 5.05 -9.45 -9.12
N ASP C 36 5.97 -10.12 -9.81
CA ASP C 36 6.82 -11.14 -9.21
C ASP C 36 7.92 -10.51 -8.36
N LEU C 37 8.63 -9.53 -8.89
CA LEU C 37 9.77 -8.96 -8.15
C LEU C 37 9.28 -8.11 -6.96
N ILE C 38 8.28 -8.61 -6.24
CA ILE C 38 7.82 -7.93 -5.04
C ILE C 38 7.55 -8.94 -3.94
N LEU D 9 -15.20 3.23 -41.45
CA LEU D 9 -14.15 2.22 -41.27
C LEU D 9 -12.81 2.90 -40.97
N GLU D 10 -12.66 4.14 -41.40
CA GLU D 10 -11.49 4.95 -41.06
C GLU D 10 -11.46 5.19 -39.56
N ASN D 11 -12.63 5.13 -38.95
CA ASN D 11 -12.79 5.37 -37.53
C ASN D 11 -12.21 4.23 -36.71
N GLU D 12 -11.97 3.10 -37.37
CA GLU D 12 -11.32 1.97 -36.72
C GLU D 12 -9.82 2.19 -36.64
N VAL D 13 -9.20 2.44 -37.78
CA VAL D 13 -7.75 2.68 -37.83
C VAL D 13 -7.38 3.89 -36.95
N ALA D 14 -8.27 4.87 -36.87
CA ALA D 14 -8.02 6.04 -36.05
C ALA D 14 -8.00 5.68 -34.57
N ARG D 15 -8.98 4.88 -34.15
CA ARG D 15 -9.03 4.43 -32.77
C ARG D 15 -8.01 3.33 -32.47
N LEU D 16 -7.63 2.56 -33.48
CA LEU D 16 -6.58 1.55 -33.29
C LEU D 16 -5.20 2.17 -33.23
N LYS D 17 -4.95 3.18 -34.07
CA LYS D 17 -3.67 3.89 -34.03
C LYS D 17 -3.50 4.50 -32.64
N LYS D 18 -4.59 5.03 -32.11
CA LYS D 18 -4.64 5.59 -30.78
C LYS D 18 -4.40 4.52 -29.71
N LEU D 19 -5.19 3.45 -29.76
CA LEU D 19 -5.06 2.33 -28.84
C LEU D 19 -3.64 1.77 -28.81
N VAL D 20 -3.02 1.66 -29.98
CA VAL D 20 -1.63 1.24 -30.08
C VAL D 20 -0.73 2.20 -29.32
N GLY D 21 -0.96 3.50 -29.51
CA GLY D 21 -0.18 4.53 -28.84
C GLY D 21 -0.25 4.43 -27.32
N GLU D 22 -1.43 4.07 -26.81
CA GLU D 22 -1.62 3.92 -25.38
C GLU D 22 -0.88 2.69 -24.88
N LYS D 23 -1.06 1.57 -25.57
CA LYS D 23 -0.43 0.33 -25.17
C LYS D 23 1.08 0.39 -25.37
N THR D 24 1.54 1.23 -26.28
CA THR D 24 2.98 1.41 -26.48
C THR D 24 3.56 2.18 -25.30
N LYS D 25 2.82 3.18 -24.85
CA LYS D 25 3.24 4.01 -23.72
C LYS D 25 3.22 3.23 -22.40
N GLU D 26 2.36 2.22 -22.33
CA GLU D 26 2.23 1.43 -21.11
C GLU D 26 3.41 0.48 -20.92
N ILE D 27 3.88 -0.14 -21.99
CA ILE D 27 5.02 -1.04 -21.88
C ILE D 27 6.30 -0.26 -21.58
N ASP D 28 6.43 0.96 -22.13
CA ASP D 28 7.62 1.77 -21.86
C ASP D 28 7.65 2.12 -20.39
N GLU D 29 6.49 2.43 -19.84
CA GLU D 29 6.36 2.77 -18.43
C GLU D 29 6.63 1.52 -17.60
N LEU D 30 6.06 0.40 -18.03
CA LEU D 30 6.26 -0.87 -17.34
C LEU D 30 7.72 -1.33 -17.41
N THR D 31 8.36 -1.14 -18.56
CA THR D 31 9.75 -1.55 -18.75
C THR D 31 10.71 -0.70 -17.94
N ARG D 32 10.43 0.60 -17.88
CA ARG D 32 11.26 1.51 -17.10
C ARG D 32 11.18 1.16 -15.62
N ILE D 33 9.98 0.81 -15.16
CA ILE D 33 9.81 0.38 -13.79
C ILE D 33 10.60 -0.90 -13.48
N CYS D 34 10.40 -1.93 -14.29
CA CYS D 34 11.02 -3.24 -14.06
C CYS D 34 12.52 -3.19 -14.19
N ALA D 35 13.00 -2.30 -15.05
CA ALA D 35 14.44 -2.10 -15.16
C ALA D 35 15.01 -1.43 -13.91
N ASP D 36 14.16 -0.65 -13.23
CA ASP D 36 14.58 0.04 -12.02
C ASP D 36 14.65 -0.89 -10.80
N LEU D 37 13.55 -1.58 -10.50
CA LEU D 37 13.54 -2.49 -9.35
C LEU D 37 14.20 -3.83 -9.67
N ILE D 38 15.39 -3.75 -10.24
CA ILE D 38 16.27 -4.90 -10.46
C ILE D 38 17.57 -4.50 -9.78
N SER D 39 17.91 -3.23 -9.93
CA SER D 39 19.01 -2.64 -9.18
C SER D 39 18.61 -2.44 -7.72
#